data_7B02
#
_entry.id   7B02
#
_cell.length_a   142.834
_cell.length_b   102.439
_cell.length_c   58.924
_cell.angle_alpha   90.000
_cell.angle_beta   112.810
_cell.angle_gamma   90.000
#
_symmetry.space_group_name_H-M   'C 1 2 1'
#
loop_
_entity.id
_entity.type
_entity.pdbx_description
1 polymer 'Thioredoxin glutathione reductase'
2 non-polymer 'FLAVIN-ADENINE DINUCLEOTIDE'
3 non-polymer DI(HYDROXYETHYL)ETHER
4 non-polymer 'DIMETHYL SULFOXIDE'
5 non-polymer '4-Hydroxy-7-methyl-1,8-naphthyridine-3-carboxylic acid'
6 non-polymer 'POTASSIUM ION'
7 non-polymer 'CHLORIDE ION'
8 non-polymer 'SODIUM ION'
9 water water
#
_entity_poly.entity_id   1
_entity_poly.type   'polypeptide(L)'
_entity_poly.pdbx_seq_one_letter_code
;MPPADGTSQWLRKTVDSAAVILFSKTTCPYCKKVKDVLAEAKIKHATIELDQLSNGSAIQKCLASFSKIETVPQMFVRGK
FIGDSQTVLKYYSNDELAGIVNESKYDYDLIVIGGGSGGLAAGKEAAKYGAKTAVLDYVEPTPIGTTWGLGGTCVNVGCI
PKKLMHQAGLLSHALEDAEHFGWSLDRSKISHNWSTMVEGVQSHIGSLNWGYKVALRDNQVTYLNAKGRLISPHEVQITD
KNQKVSTITGNKIILATGERPKYPEIPGAVEYGITSDDLFSLPYFPGKTLVIGASYVALECAGFLASLGGDVTVMVRSIL
LRGFDQQMAEKVGDYMENHGVKFAKLCVPDEIKQLKVVDTENNKPGLLLVKGHYTDGKKFEEEFETVIFAVGREPQLSKV
LCETVGVKLDKNGRVVCTDDEQTTVSNVYAIGDINAGKPQLTPVAIQAGRYLARRLFAGATELTDYSNVATTVFTPLEYG
ACGLSEEDAIEKYGDKDIEVYHSNFKPLEWTVAHREDNVCYMKLVCRKSDNMRVLGLHVLGPNAGEITQGYAVAIKMGAT
KADFDRTIGIHPTCSETFTTLHVTKKSGVSPIVSGCCG
;
_entity_poly.pdbx_strand_id   A
#
# COMPACT_ATOMS: atom_id res chain seq x y z
N GLY A 6 8.34 7.75 -32.53
CA GLY A 6 8.28 7.85 -31.03
C GLY A 6 9.67 8.10 -30.46
N THR A 7 10.72 7.75 -31.20
CA THR A 7 12.11 7.87 -30.69
C THR A 7 12.42 9.33 -30.36
N SER A 8 12.17 10.26 -31.26
CA SER A 8 12.57 11.67 -31.03
C SER A 8 11.76 12.25 -29.87
N GLN A 9 10.46 11.97 -29.78
CA GLN A 9 9.66 12.43 -28.61
C GLN A 9 10.26 11.84 -27.31
N TRP A 10 10.61 10.55 -27.27
CA TRP A 10 11.19 9.90 -26.07
C TRP A 10 12.51 10.54 -25.68
N LEU A 11 13.36 10.82 -26.67
CA LEU A 11 14.70 11.38 -26.40
C LEU A 11 14.52 12.79 -25.88
N ARG A 12 13.63 13.60 -26.47
CA ARG A 12 13.36 15.01 -26.01
C ARG A 12 12.97 14.94 -24.52
N LYS A 13 11.99 14.10 -24.17
CA LYS A 13 11.42 14.01 -22.80
C LYS A 13 12.53 13.57 -21.83
N THR A 14 13.28 12.51 -22.24
CA THR A 14 14.37 11.91 -21.44
C THR A 14 15.43 12.99 -21.12
N VAL A 15 15.93 13.65 -22.15
CA VAL A 15 17.00 14.67 -21.97
C VAL A 15 16.46 15.79 -21.10
N ASP A 16 15.22 16.26 -21.34
CA ASP A 16 14.70 17.40 -20.55
C ASP A 16 14.65 17.05 -19.06
N SER A 17 14.27 15.81 -18.70
CA SER A 17 13.92 15.49 -17.29
C SER A 17 15.12 14.92 -16.53
N ALA A 18 16.02 14.20 -17.18
CA ALA A 18 17.10 13.51 -16.48
C ALA A 18 18.00 14.51 -15.75
N ALA A 19 18.41 14.19 -14.51
CA ALA A 19 19.31 15.08 -13.76
C ALA A 19 20.71 14.94 -14.33
N VAL A 20 21.20 13.70 -14.39
CA VAL A 20 22.56 13.40 -14.90
C VAL A 20 22.43 12.10 -15.67
N ILE A 21 22.69 12.12 -16.97
CA ILE A 21 22.53 10.89 -17.78
C ILE A 21 23.67 10.74 -18.77
N LEU A 22 24.10 9.51 -18.94
CA LEU A 22 25.17 9.11 -19.84
C LEU A 22 24.60 8.18 -20.92
N PHE A 23 24.70 8.60 -22.18
CA PHE A 23 24.39 7.74 -23.34
C PHE A 23 25.71 7.04 -23.66
N SER A 24 25.64 5.73 -23.74
CA SER A 24 26.82 4.85 -23.66
C SER A 24 26.63 3.66 -24.59
N LYS A 25 27.69 2.90 -24.78
CA LYS A 25 27.60 1.51 -25.30
C LYS A 25 28.46 0.62 -24.41
N THR A 26 28.14 -0.66 -24.29
CA THR A 26 28.75 -1.53 -23.25
C THR A 26 30.23 -1.79 -23.55
N THR A 27 30.61 -1.71 -24.84
CA THR A 27 31.88 -2.19 -25.44
C THR A 27 32.81 -1.00 -25.76
N CYS A 28 32.45 0.21 -25.37
CA CYS A 28 33.18 1.44 -25.76
C CYS A 28 34.13 1.82 -24.61
N PRO A 29 35.46 1.78 -24.85
CA PRO A 29 36.43 2.15 -23.82
C PRO A 29 36.40 3.64 -23.42
N TYR A 30 35.90 4.52 -24.31
CA TYR A 30 35.72 5.96 -23.98
C TYR A 30 34.58 6.09 -22.96
N CYS A 31 33.55 5.29 -23.18
CA CYS A 31 32.39 5.19 -22.26
C CYS A 31 32.89 4.74 -20.86
N LYS A 32 33.80 3.76 -20.81
CA LYS A 32 34.38 3.25 -19.54
C LYS A 32 35.17 4.38 -18.88
N LYS A 33 35.96 5.13 -19.63
CA LYS A 33 36.82 6.16 -18.99
C LYS A 33 35.85 7.14 -18.30
N VAL A 34 34.73 7.48 -18.93
CA VAL A 34 33.78 8.47 -18.28
C VAL A 34 33.12 7.82 -17.08
N LYS A 35 32.64 6.61 -17.23
CA LYS A 35 32.02 5.91 -16.07
C LYS A 35 32.97 5.85 -14.90
N ASP A 36 34.26 5.50 -15.13
CA ASP A 36 35.28 5.38 -14.06
C ASP A 36 35.52 6.74 -13.41
N VAL A 37 35.55 7.82 -14.19
CA VAL A 37 35.69 9.18 -13.62
C VAL A 37 34.47 9.49 -12.74
N LEU A 38 33.26 9.22 -13.21
CA LEU A 38 32.02 9.59 -12.47
C LEU A 38 31.93 8.80 -11.16
N ALA A 39 32.27 7.52 -11.22
CA ALA A 39 32.30 6.61 -10.06
C ALA A 39 33.38 7.12 -9.09
N GLU A 40 34.58 7.49 -9.60
CA GLU A 40 35.69 8.00 -8.76
C GLU A 40 35.24 9.29 -8.05
N ALA A 41 34.52 10.18 -8.76
CA ALA A 41 34.02 11.49 -8.26
C ALA A 41 32.74 11.30 -7.43
N LYS A 42 32.24 10.07 -7.34
CA LYS A 42 30.98 9.75 -6.59
C LYS A 42 29.82 10.53 -7.21
N ILE A 43 29.82 10.68 -8.53
CA ILE A 43 28.73 11.39 -9.27
C ILE A 43 27.74 10.31 -9.74
N LYS A 44 26.55 10.30 -9.15
CA LYS A 44 25.55 9.29 -9.53
C LYS A 44 24.88 9.76 -10.82
N HIS A 45 24.44 8.84 -11.64
CA HIS A 45 23.81 9.14 -12.94
C HIS A 45 23.08 7.94 -13.48
N ALA A 46 22.13 8.19 -14.38
CA ALA A 46 21.53 7.15 -15.24
C ALA A 46 22.49 6.87 -16.41
N THR A 47 22.39 5.67 -16.92
CA THR A 47 23.13 5.20 -18.11
C THR A 47 22.14 4.53 -19.04
N ILE A 48 22.15 4.92 -20.32
CA ILE A 48 21.43 4.19 -21.38
C ILE A 48 22.45 3.59 -22.35
N GLU A 49 22.52 2.27 -22.40
CA GLU A 49 23.44 1.52 -23.28
C GLU A 49 22.72 1.35 -24.61
N LEU A 50 23.07 2.14 -25.62
CA LEU A 50 22.30 2.17 -26.87
C LEU A 50 22.49 0.83 -27.59
N ASP A 51 23.60 0.13 -27.33
CA ASP A 51 23.88 -1.18 -27.99
C ASP A 51 22.91 -2.23 -27.45
N GLN A 52 22.09 -1.92 -26.47
CA GLN A 52 21.15 -2.90 -25.87
C GLN A 52 19.68 -2.57 -26.23
N LEU A 53 19.45 -1.68 -27.20
CA LEU A 53 18.12 -1.18 -27.63
C LEU A 53 17.94 -1.36 -29.15
N SER A 54 16.75 -1.81 -29.57
CA SER A 54 16.31 -1.97 -30.99
C SER A 54 16.64 -0.69 -31.73
N ASN A 55 16.21 0.43 -31.16
CA ASN A 55 16.25 1.76 -31.81
C ASN A 55 17.51 2.51 -31.38
N GLY A 56 18.53 1.83 -30.84
CA GLY A 56 19.79 2.49 -30.43
C GLY A 56 20.40 3.29 -31.57
N SER A 57 20.41 2.74 -32.78
CA SER A 57 21.02 3.40 -33.96
C SER A 57 20.29 4.72 -34.18
N ALA A 58 18.96 4.66 -34.12
CA ALA A 58 18.09 5.85 -34.30
C ALA A 58 18.29 6.84 -33.16
N ILE A 59 18.46 6.39 -31.91
CA ILE A 59 18.66 7.34 -30.77
C ILE A 59 19.98 8.08 -30.98
N GLN A 60 21.03 7.37 -31.40
CA GLN A 60 22.35 8.00 -31.71
C GLN A 60 22.16 9.15 -32.69
N LYS A 61 21.41 8.90 -33.76
CA LYS A 61 21.19 9.94 -34.79
C LYS A 61 20.43 11.08 -34.12
N CYS A 62 19.41 10.78 -33.30
CA CYS A 62 18.55 11.85 -32.70
CA CYS A 62 18.55 11.85 -32.73
C CYS A 62 19.37 12.72 -31.75
N LEU A 63 20.34 12.11 -31.06
CA LEU A 63 21.18 12.85 -30.08
C LEU A 63 21.84 14.09 -30.71
N ALA A 64 22.18 14.06 -32.01
CA ALA A 64 22.86 15.21 -32.67
C ALA A 64 21.94 16.44 -32.67
N SER A 65 20.61 16.28 -32.52
CA SER A 65 19.72 17.45 -32.31
C SER A 65 20.00 18.20 -31.01
N PHE A 66 20.67 17.59 -30.02
CA PHE A 66 20.99 18.25 -28.72
C PHE A 66 22.47 18.59 -28.63
N SER A 67 23.32 17.75 -29.21
CA SER A 67 24.79 17.84 -28.95
C SER A 67 25.59 18.20 -30.21
N LYS A 68 24.98 18.07 -31.40
CA LYS A 68 25.65 18.12 -32.74
C LYS A 68 26.55 16.90 -32.96
N ILE A 69 26.56 15.91 -32.05
CA ILE A 69 27.37 14.68 -32.29
C ILE A 69 26.48 13.45 -32.22
N GLU A 70 26.95 12.36 -32.85
CA GLU A 70 26.21 11.09 -32.97
C GLU A 70 27.00 9.94 -32.36
N THR A 71 28.12 10.24 -31.69
CA THR A 71 29.02 9.27 -31.06
C THR A 71 28.61 9.04 -29.59
N VAL A 72 29.18 8.00 -28.97
CA VAL A 72 29.12 7.81 -27.49
C VAL A 72 30.56 7.88 -26.96
N PRO A 73 30.78 8.36 -25.72
CA PRO A 73 29.70 8.76 -24.80
C PRO A 73 29.16 10.17 -24.99
N GLN A 74 27.91 10.37 -24.62
CA GLN A 74 27.38 11.75 -24.47
C GLN A 74 26.86 11.93 -23.05
N MET A 75 27.28 12.98 -22.35
CA MET A 75 26.80 13.21 -20.98
C MET A 75 25.93 14.45 -20.97
N PHE A 76 24.77 14.35 -20.35
CA PHE A 76 23.80 15.48 -20.20
C PHE A 76 23.59 15.76 -18.71
N VAL A 77 23.37 17.01 -18.38
CA VAL A 77 23.01 17.48 -17.03
C VAL A 77 21.81 18.38 -17.19
N ARG A 78 20.66 17.96 -16.65
CA ARG A 78 19.49 18.87 -16.50
C ARG A 78 19.21 19.51 -17.86
N GLY A 79 19.16 18.68 -18.89
CA GLY A 79 18.61 19.11 -20.19
C GLY A 79 19.68 19.61 -21.14
N LYS A 80 20.94 19.73 -20.68
CA LYS A 80 22.02 20.33 -21.50
C LYS A 80 23.10 19.29 -21.76
N PHE A 81 23.52 19.19 -23.01
CA PHE A 81 24.70 18.37 -23.36
C PHE A 81 25.93 19.01 -22.70
N ILE A 82 26.66 18.24 -21.89
CA ILE A 82 27.87 18.78 -21.22
C ILE A 82 29.13 18.28 -21.90
N GLY A 83 29.12 17.14 -22.62
CA GLY A 83 30.36 16.74 -23.29
C GLY A 83 30.42 15.30 -23.74
N ASP A 84 31.40 15.09 -24.61
CA ASP A 84 31.93 13.77 -25.01
C ASP A 84 32.99 13.35 -23.96
N SER A 85 33.76 12.28 -24.20
CA SER A 85 34.75 11.82 -23.18
C SER A 85 35.83 12.86 -22.92
N GLN A 86 36.34 13.50 -23.98
CA GLN A 86 37.46 14.46 -23.75
C GLN A 86 36.96 15.63 -22.92
N THR A 87 35.73 16.10 -23.19
CA THR A 87 35.20 17.25 -22.45
C THR A 87 34.99 16.88 -20.98
N VAL A 88 34.39 15.71 -20.70
CA VAL A 88 34.10 15.35 -19.28
C VAL A 88 35.43 15.19 -18.52
N LEU A 89 36.44 14.60 -19.19
CA LEU A 89 37.77 14.44 -18.53
C LEU A 89 38.47 15.82 -18.38
N LYS A 90 38.19 16.78 -19.25
CA LYS A 90 38.69 18.17 -19.08
C LYS A 90 38.07 18.82 -17.84
N TYR A 91 36.76 18.73 -17.66
CA TYR A 91 36.20 19.33 -16.46
C TYR A 91 36.80 18.68 -15.20
N TYR A 92 37.02 17.37 -15.26
CA TYR A 92 37.50 16.62 -14.06
C TYR A 92 38.89 17.12 -13.74
N SER A 93 39.75 17.16 -14.75
CA SER A 93 41.17 17.46 -14.50
C SER A 93 41.32 18.90 -14.02
N ASN A 94 40.37 19.80 -14.33
CA ASN A 94 40.41 21.26 -14.02
C ASN A 94 39.52 21.56 -12.79
N ASP A 95 39.06 20.52 -12.08
CA ASP A 95 38.23 20.61 -10.83
C ASP A 95 36.97 21.43 -11.14
N GLU A 96 36.40 21.23 -12.33
CA GLU A 96 35.20 21.95 -12.83
C GLU A 96 33.98 21.03 -12.81
N LEU A 97 34.17 19.72 -12.75
CA LEU A 97 33.11 18.73 -13.01
C LEU A 97 32.07 18.76 -11.89
N ALA A 98 32.47 18.92 -10.63
CA ALA A 98 31.54 19.01 -9.49
C ALA A 98 30.58 20.17 -9.73
N GLY A 99 31.11 21.32 -10.10
CA GLY A 99 30.29 22.54 -10.26
C GLY A 99 29.28 22.35 -11.38
N ILE A 100 29.70 21.71 -12.46
CA ILE A 100 28.85 21.50 -13.67
C ILE A 100 27.74 20.50 -13.31
N VAL A 101 28.07 19.37 -12.69
CA VAL A 101 27.02 18.36 -12.42
C VAL A 101 26.07 18.81 -11.31
N ASN A 102 26.40 19.84 -10.54
CA ASN A 102 25.54 20.39 -9.47
C ASN A 102 24.79 21.64 -9.95
N GLU A 103 25.07 22.15 -11.15
CA GLU A 103 24.42 23.39 -11.67
C GLU A 103 22.94 23.09 -11.86
N SER A 104 22.03 23.87 -11.27
CA SER A 104 20.57 23.68 -11.38
C SER A 104 19.88 25.02 -11.18
N LYS A 105 18.79 25.24 -11.90
CA LYS A 105 17.88 26.37 -11.69
C LYS A 105 17.21 26.21 -10.33
N TYR A 106 17.13 24.97 -9.81
CA TYR A 106 16.29 24.68 -8.60
C TYR A 106 17.15 24.09 -7.46
N ASP A 107 16.66 24.22 -6.21
CA ASP A 107 17.32 23.58 -5.04
C ASP A 107 17.46 22.08 -5.27
N TYR A 108 16.39 21.45 -5.78
CA TYR A 108 16.35 19.99 -5.96
C TYR A 108 15.90 19.61 -7.37
N ASP A 109 16.32 18.46 -7.86
CA ASP A 109 15.70 17.83 -9.04
C ASP A 109 14.32 17.29 -8.72
N LEU A 110 14.16 16.76 -7.50
CA LEU A 110 12.90 16.16 -7.07
C LEU A 110 12.61 16.62 -5.66
N ILE A 111 11.40 17.10 -5.43
CA ILE A 111 10.87 17.20 -4.06
C ILE A 111 9.67 16.27 -3.97
N VAL A 112 9.72 15.35 -3.01
CA VAL A 112 8.63 14.42 -2.68
C VAL A 112 7.92 14.99 -1.49
N ILE A 113 6.66 15.31 -1.60
CA ILE A 113 5.88 15.75 -0.43
C ILE A 113 5.18 14.53 0.10
N GLY A 114 5.67 13.96 1.18
CA GLY A 114 5.06 12.82 1.87
C GLY A 114 6.08 11.72 1.98
N GLY A 115 6.38 11.30 3.19
CA GLY A 115 7.39 10.28 3.40
C GLY A 115 6.81 8.92 3.84
N GLY A 116 5.92 8.43 2.95
CA GLY A 116 5.27 7.15 3.15
C GLY A 116 5.65 6.08 2.16
N SER A 117 4.75 5.13 1.92
CA SER A 117 5.08 3.98 1.05
C SER A 117 5.55 4.47 -0.33
N GLY A 118 4.76 5.31 -0.95
CA GLY A 118 5.11 5.75 -2.32
C GLY A 118 6.24 6.75 -2.31
N GLY A 119 6.20 7.73 -1.43
CA GLY A 119 7.20 8.82 -1.46
C GLY A 119 8.62 8.35 -1.18
N LEU A 120 8.78 7.51 -0.15
CA LEU A 120 10.15 7.01 0.17
C LEU A 120 10.62 6.17 -1.01
N ALA A 121 9.76 5.33 -1.60
CA ALA A 121 10.21 4.50 -2.73
C ALA A 121 10.60 5.37 -3.92
N ALA A 122 9.85 6.43 -4.19
CA ALA A 122 10.17 7.32 -5.33
C ALA A 122 11.46 8.05 -5.02
N GLY A 123 11.61 8.59 -3.81
CA GLY A 123 12.79 9.41 -3.55
C GLY A 123 14.06 8.61 -3.59
N LYS A 124 14.07 7.42 -3.01
CA LYS A 124 15.28 6.58 -2.98
C LYS A 124 15.63 6.17 -4.39
N GLU A 125 14.65 5.86 -5.20
CA GLU A 125 14.91 5.38 -6.56
C GLU A 125 15.46 6.57 -7.39
N ALA A 126 14.90 7.76 -7.25
CA ALA A 126 15.33 8.95 -8.01
C ALA A 126 16.80 9.22 -7.69
N ALA A 127 17.16 9.15 -6.42
CA ALA A 127 18.51 9.49 -5.96
C ALA A 127 19.52 8.56 -6.65
N LYS A 128 19.15 7.31 -6.92
CA LYS A 128 20.06 6.35 -7.57
C LYS A 128 20.55 6.93 -8.90
N TYR A 129 19.73 7.68 -9.64
CA TYR A 129 20.10 8.27 -10.96
C TYR A 129 20.64 9.70 -10.86
N GLY A 130 21.07 10.14 -9.68
CA GLY A 130 21.69 11.44 -9.50
C GLY A 130 20.70 12.55 -9.43
N ALA A 131 19.41 12.26 -9.25
CA ALA A 131 18.50 13.34 -8.93
C ALA A 131 18.82 13.82 -7.52
N LYS A 132 18.99 15.11 -7.38
CA LYS A 132 19.16 15.73 -6.05
C LYS A 132 17.75 15.76 -5.47
N THR A 133 17.53 15.03 -4.39
CA THR A 133 16.16 14.74 -3.93
C THR A 133 15.97 15.23 -2.51
N ALA A 134 14.80 15.79 -2.23
CA ALA A 134 14.32 16.07 -0.87
C ALA A 134 13.02 15.29 -0.64
N VAL A 135 12.94 14.60 0.50
CA VAL A 135 11.68 14.00 0.99
C VAL A 135 11.24 14.79 2.21
N LEU A 136 10.03 15.29 2.13
CA LEU A 136 9.34 15.98 3.20
C LEU A 136 8.35 15.00 3.86
N ASP A 137 8.40 14.88 5.18
CA ASP A 137 7.33 14.14 5.90
C ASP A 137 6.97 14.88 7.17
N TYR A 138 5.68 14.96 7.41
CA TYR A 138 5.07 15.53 8.61
C TYR A 138 3.88 14.66 8.92
N VAL A 139 3.71 14.35 10.17
CA VAL A 139 2.55 13.60 10.69
C VAL A 139 1.70 14.53 11.54
N GLU A 140 0.62 15.05 10.97
CA GLU A 140 -0.30 15.86 11.79
CA GLU A 140 -0.38 15.85 11.73
C GLU A 140 -0.87 14.98 12.89
N PRO A 141 -0.83 15.45 14.16
CA PRO A 141 -1.34 14.61 15.24
C PRO A 141 -2.82 14.29 15.08
N THR A 142 -3.23 13.16 15.62
CA THR A 142 -4.65 12.81 15.74
C THR A 142 -5.30 13.73 16.74
N PRO A 143 -6.63 13.69 16.86
CA PRO A 143 -7.26 14.56 17.85
C PRO A 143 -6.83 14.35 19.30
N ILE A 144 -6.44 13.14 19.68
CA ILE A 144 -5.92 12.90 21.05
C ILE A 144 -4.41 13.19 21.17
N GLY A 145 -3.75 13.53 20.07
CA GLY A 145 -2.36 13.95 20.04
C GLY A 145 -1.38 12.87 19.58
N THR A 146 -1.85 11.74 19.04
CA THR A 146 -0.95 10.68 18.59
C THR A 146 -0.17 11.12 17.35
N THR A 147 1.14 10.84 17.35
CA THR A 147 2.03 11.07 16.22
C THR A 147 3.01 9.89 16.16
N TRP A 148 3.81 9.88 15.12
CA TRP A 148 4.75 8.77 14.85
C TRP A 148 5.80 9.24 13.87
N GLY A 149 6.75 8.37 13.59
CA GLY A 149 7.92 8.69 12.79
C GLY A 149 7.81 8.38 11.30
N LEU A 150 8.95 8.45 10.64
CA LEU A 150 9.03 8.42 9.18
C LEU A 150 8.61 7.05 8.65
N GLY A 151 7.87 7.04 7.55
CA GLY A 151 7.55 5.76 6.90
C GLY A 151 6.10 5.68 6.39
N GLY A 152 5.20 6.54 6.86
CA GLY A 152 3.84 6.56 6.37
C GLY A 152 2.84 5.71 7.11
N THR A 153 1.68 5.55 6.48
CA THR A 153 0.54 4.87 7.09
C THR A 153 0.87 3.42 7.30
N CYS A 154 1.34 2.72 6.30
CA CYS A 154 1.51 1.27 6.43
C CYS A 154 2.47 0.94 7.56
N VAL A 155 3.63 1.60 7.54
CA VAL A 155 4.70 1.30 8.49
C VAL A 155 4.22 1.55 9.91
N ASN A 156 3.58 2.69 10.14
CA ASN A 156 3.31 3.16 11.50
C ASN A 156 1.93 2.83 12.02
N VAL A 157 0.90 2.87 11.17
CA VAL A 157 -0.50 2.80 11.62
C VAL A 157 -1.32 2.01 10.60
N GLY A 158 -0.71 1.00 9.97
CA GLY A 158 -1.38 0.26 8.89
C GLY A 158 -0.95 -1.15 8.80
N CYS A 159 -0.56 -1.54 7.60
CA CYS A 159 -0.22 -2.95 7.30
C CYS A 159 0.72 -3.57 8.34
N ILE A 160 1.79 -2.87 8.73
CA ILE A 160 2.81 -3.49 9.61
C ILE A 160 2.21 -3.77 11.00
N PRO A 161 1.77 -2.77 11.76
CA PRO A 161 1.25 -3.10 13.07
C PRO A 161 0.00 -3.94 13.01
N LYS A 162 -0.85 -3.74 12.03
CA LYS A 162 -2.13 -4.52 12.03
C LYS A 162 -1.79 -6.00 11.78
N LYS A 163 -0.83 -6.27 10.90
CA LYS A 163 -0.51 -7.69 10.65
C LYS A 163 0.19 -8.29 11.87
N LEU A 164 1.02 -7.52 12.57
CA LEU A 164 1.64 -8.03 13.80
C LEU A 164 0.57 -8.34 14.88
N MET A 165 -0.44 -7.48 15.01
CA MET A 165 -1.51 -7.73 15.99
C MET A 165 -2.42 -8.87 15.51
N HIS A 166 -2.60 -9.05 14.21
CA HIS A 166 -3.24 -10.23 13.67
C HIS A 166 -2.45 -11.48 14.05
N GLN A 167 -1.13 -11.44 13.90
CA GLN A 167 -0.30 -12.62 14.32
C GLN A 167 -0.44 -12.90 15.81
N ALA A 168 -0.52 -11.87 16.63
CA ALA A 168 -0.78 -12.08 18.08
C ALA A 168 -2.10 -12.80 18.26
N GLY A 169 -3.10 -12.38 17.49
CA GLY A 169 -4.41 -13.05 17.55
C GLY A 169 -4.32 -14.47 17.03
N LEU A 170 -3.66 -14.72 15.91
CA LEU A 170 -3.53 -16.08 15.36
C LEU A 170 -2.86 -16.97 16.40
N LEU A 171 -1.93 -16.44 17.18
CA LEU A 171 -1.20 -17.29 18.15
C LEU A 171 -2.19 -17.82 19.23
N SER A 172 -3.38 -17.22 19.48
N SER A 172 -3.31 -17.15 19.49
CA SER A 172 -4.43 -17.79 20.38
CA SER A 172 -4.38 -17.71 20.35
C SER A 172 -4.84 -19.18 19.89
C SER A 172 -4.73 -19.11 19.88
N HIS A 173 -5.05 -19.25 18.59
CA HIS A 173 -5.62 -20.46 18.00
C HIS A 173 -4.45 -21.46 18.01
N ALA A 174 -3.22 -21.00 17.87
CA ALA A 174 -2.03 -21.83 17.93
C ALA A 174 -1.84 -22.46 19.28
N LEU A 175 -2.16 -21.72 20.38
CA LEU A 175 -2.14 -22.24 21.73
C LEU A 175 -3.18 -23.32 21.91
N GLU A 176 -4.39 -23.07 21.39
CA GLU A 176 -5.50 -24.04 21.40
C GLU A 176 -5.08 -25.32 20.66
N ASP A 177 -4.55 -25.18 19.50
CA ASP A 177 -4.22 -26.31 18.61
C ASP A 177 -3.10 -27.12 19.26
N ALA A 178 -2.13 -26.43 19.86
CA ALA A 178 -0.93 -27.11 20.37
C ALA A 178 -1.37 -28.21 21.38
N GLU A 179 -2.41 -28.03 22.13
CA GLU A 179 -2.92 -29.07 23.08
C GLU A 179 -3.32 -30.38 22.33
N HIS A 180 -4.06 -30.27 21.23
CA HIS A 180 -4.50 -31.44 20.41
C HIS A 180 -3.33 -32.13 19.74
N PHE A 181 -2.27 -31.35 19.45
CA PHE A 181 -1.04 -31.90 18.84
C PHE A 181 -0.06 -32.44 19.89
N GLY A 182 -0.45 -32.50 21.17
CA GLY A 182 0.29 -33.20 22.23
C GLY A 182 1.05 -32.33 23.20
N TRP A 183 0.97 -31.03 23.07
CA TRP A 183 1.67 -30.11 23.99
C TRP A 183 0.87 -29.98 25.31
N SER A 184 1.58 -29.95 26.41
CA SER A 184 1.04 -29.90 27.79
C SER A 184 0.94 -28.45 28.25
N LEU A 185 0.09 -27.68 27.69
CA LEU A 185 -0.26 -26.35 28.17
C LEU A 185 -1.76 -26.41 28.23
N ASP A 186 -2.30 -25.61 29.09
CA ASP A 186 -3.76 -25.40 29.29
C ASP A 186 -4.11 -23.99 28.80
N ARG A 187 -4.56 -23.86 27.55
CA ARG A 187 -5.05 -22.59 26.93
C ARG A 187 -5.89 -21.76 27.91
N SER A 188 -6.73 -22.42 28.72
CA SER A 188 -7.70 -21.67 29.60
C SER A 188 -6.92 -20.86 30.64
N LYS A 189 -5.66 -21.18 30.93
CA LYS A 189 -4.92 -20.45 32.03
C LYS A 189 -4.04 -19.28 31.51
N ILE A 190 -4.05 -19.06 30.22
CA ILE A 190 -3.07 -18.14 29.60
C ILE A 190 -3.85 -16.90 29.28
N SER A 191 -3.27 -15.72 29.50
CA SER A 191 -3.92 -14.43 29.20
C SER A 191 -2.99 -13.65 28.28
N HIS A 192 -3.55 -12.64 27.69
CA HIS A 192 -2.80 -11.72 26.82
C HIS A 192 -2.57 -10.38 27.51
N ASN A 193 -1.39 -9.81 27.33
CA ASN A 193 -1.06 -8.47 27.87
C ASN A 193 -0.90 -7.51 26.69
N TRP A 194 -1.89 -6.69 26.49
CA TRP A 194 -1.92 -5.70 25.42
C TRP A 194 -0.62 -4.92 25.37
N SER A 195 -0.28 -4.29 26.48
CA SER A 195 0.84 -3.34 26.46
CA SER A 195 0.86 -3.35 26.53
C SER A 195 2.17 -4.05 26.14
N THR A 196 2.37 -5.29 26.56
CA THR A 196 3.57 -6.04 26.18
C THR A 196 3.61 -6.17 24.63
N MET A 197 2.48 -6.51 24.06
CA MET A 197 2.40 -6.63 22.61
C MET A 197 2.68 -5.30 21.93
N VAL A 198 2.06 -4.25 22.39
CA VAL A 198 2.23 -2.91 21.77
C VAL A 198 3.71 -2.52 21.89
N GLU A 199 4.35 -2.76 23.03
CA GLU A 199 5.76 -2.43 23.14
C GLU A 199 6.57 -3.15 22.05
N GLY A 200 6.31 -4.42 21.83
CA GLY A 200 7.06 -5.15 20.81
C GLY A 200 6.79 -4.59 19.42
N VAL A 201 5.52 -4.33 19.12
CA VAL A 201 5.18 -3.79 17.80
C VAL A 201 5.86 -2.42 17.63
N GLN A 202 5.76 -1.56 18.65
CA GLN A 202 6.34 -0.21 18.54
C GLN A 202 7.86 -0.26 18.44
N SER A 203 8.51 -1.23 19.06
CA SER A 203 9.97 -1.35 18.93
C SER A 203 10.29 -1.67 17.46
N HIS A 204 9.54 -2.58 16.85
CA HIS A 204 9.73 -2.90 15.43
C HIS A 204 9.52 -1.65 14.57
N ILE A 205 8.42 -0.94 14.80
CA ILE A 205 8.14 0.28 14.02
C ILE A 205 9.29 1.28 14.19
N GLY A 206 9.80 1.43 15.41
CA GLY A 206 10.92 2.36 15.61
C GLY A 206 12.13 1.94 14.81
N SER A 207 12.36 0.66 14.65
CA SER A 207 13.50 0.18 13.85
C SER A 207 13.26 0.56 12.39
N LEU A 208 12.02 0.58 11.91
CA LEU A 208 11.69 0.97 10.53
C LEU A 208 11.87 2.48 10.40
N ASN A 209 11.37 3.26 11.34
CA ASN A 209 11.50 4.74 11.26
C ASN A 209 12.99 5.07 11.12
N TRP A 210 13.80 4.47 11.95
CA TRP A 210 15.26 4.69 11.97
CA TRP A 210 15.26 4.72 11.95
C TRP A 210 15.89 4.20 10.65
N GLY A 211 15.52 3.02 10.22
CA GLY A 211 16.02 2.43 8.98
C GLY A 211 15.77 3.33 7.79
N TYR A 212 14.60 3.91 7.70
CA TYR A 212 14.29 4.83 6.59
C TYR A 212 15.21 6.06 6.66
N LYS A 213 15.40 6.63 7.86
CA LYS A 213 16.27 7.84 7.99
CA LYS A 213 16.29 7.82 8.02
C LYS A 213 17.70 7.47 7.58
N VAL A 214 18.18 6.29 7.99
CA VAL A 214 19.55 5.89 7.59
C VAL A 214 19.57 5.64 6.09
N ALA A 215 18.54 5.04 5.50
CA ALA A 215 18.52 4.74 4.05
C ALA A 215 18.55 6.06 3.29
N LEU A 216 17.80 7.06 3.72
CA LEU A 216 17.81 8.37 3.01
C LEU A 216 19.22 9.00 3.14
N ARG A 217 19.79 9.01 4.33
CA ARG A 217 21.14 9.58 4.54
C ARG A 217 22.10 8.84 3.60
N ASP A 218 22.01 7.50 3.48
CA ASP A 218 23.01 6.70 2.72
C ASP A 218 22.82 6.88 1.19
N ASN A 219 21.66 7.36 0.75
CA ASN A 219 21.34 7.63 -0.68
C ASN A 219 21.50 9.12 -0.95
N GLN A 220 22.02 9.90 0.00
CA GLN A 220 22.22 11.38 -0.13
C GLN A 220 20.91 12.12 -0.43
N VAL A 221 19.83 11.62 0.10
CA VAL A 221 18.51 12.26 0.04
C VAL A 221 18.37 13.18 1.25
N THR A 222 17.91 14.36 1.05
CA THR A 222 17.61 15.31 2.15
C THR A 222 16.25 14.98 2.74
N TYR A 223 16.23 14.60 3.99
CA TYR A 223 14.97 14.37 4.74
C TYR A 223 14.66 15.62 5.55
N LEU A 224 13.52 16.26 5.29
CA LEU A 224 12.99 17.37 6.09
C LEU A 224 11.72 16.92 6.80
N ASN A 225 11.73 16.95 8.13
CA ASN A 225 10.53 16.73 8.95
C ASN A 225 9.77 18.05 8.97
N ALA A 226 9.05 18.32 7.91
CA ALA A 226 8.40 19.62 7.66
C ALA A 226 7.14 19.42 6.84
N LYS A 227 6.13 20.24 7.10
CA LYS A 227 4.87 20.21 6.35
C LYS A 227 5.11 20.98 5.05
N GLY A 228 4.88 20.34 3.91
CA GLY A 228 5.07 20.96 2.59
C GLY A 228 3.77 21.42 1.98
N ARG A 229 3.77 22.56 1.29
CA ARG A 229 2.60 23.10 0.57
C ARG A 229 3.11 23.54 -0.78
N LEU A 230 2.54 22.99 -1.85
CA LEU A 230 2.94 23.37 -3.22
C LEU A 230 2.24 24.71 -3.55
N ILE A 231 3.01 25.76 -3.70
CA ILE A 231 2.46 27.16 -3.84
C ILE A 231 2.53 27.66 -5.29
N SER A 232 3.39 27.06 -6.09
CA SER A 232 3.55 27.24 -7.56
C SER A 232 4.18 25.97 -8.12
N PRO A 233 4.25 25.77 -9.43
CA PRO A 233 4.69 24.48 -9.96
C PRO A 233 6.03 23.99 -9.43
N HIS A 234 6.98 24.89 -9.14
CA HIS A 234 8.37 24.53 -8.74
C HIS A 234 8.67 24.98 -7.30
N GLU A 235 7.73 25.55 -6.59
CA GLU A 235 7.97 26.13 -5.24
C GLU A 235 7.15 25.34 -4.21
N VAL A 236 7.83 24.85 -3.17
CA VAL A 236 7.23 24.20 -2.00
C VAL A 236 7.53 25.05 -0.78
N GLN A 237 6.49 25.54 -0.14
CA GLN A 237 6.64 26.20 1.16
C GLN A 237 6.73 25.09 2.22
N ILE A 238 7.74 25.18 3.06
CA ILE A 238 7.92 24.21 4.17
C ILE A 238 7.74 24.93 5.51
N THR A 239 7.14 24.24 6.47
CA THR A 239 6.97 24.72 7.85
C THR A 239 7.61 23.66 8.76
N ASP A 240 8.60 24.06 9.54
CA ASP A 240 9.37 23.10 10.36
C ASP A 240 8.78 23.07 11.77
N LYS A 241 9.40 22.32 12.66
CA LYS A 241 8.81 22.09 14.00
C LYS A 241 8.81 23.42 14.78
N ASN A 242 9.69 24.35 14.40
CA ASN A 242 9.81 25.66 15.09
C ASN A 242 8.79 26.65 14.52
N GLN A 243 7.94 26.18 13.60
CA GLN A 243 6.97 26.99 12.84
C GLN A 243 7.73 27.95 11.93
N LYS A 244 9.00 27.68 11.62
CA LYS A 244 9.79 28.47 10.64
C LYS A 244 9.32 28.13 9.23
N VAL A 245 8.95 29.15 8.48
CA VAL A 245 8.40 28.99 7.11
C VAL A 245 9.45 29.44 6.12
N SER A 246 9.80 28.56 5.18
CA SER A 246 10.70 28.88 4.06
C SER A 246 10.18 28.25 2.76
N THR A 247 10.84 28.56 1.65
CA THR A 247 10.48 28.02 0.32
C THR A 247 11.69 27.30 -0.20
N ILE A 248 11.48 26.11 -0.73
CA ILE A 248 12.50 25.35 -1.49
C ILE A 248 11.92 25.13 -2.89
N THR A 249 12.82 24.97 -3.83
CA THR A 249 12.42 24.85 -5.26
C THR A 249 12.83 23.48 -5.77
N GLY A 250 12.02 22.97 -6.67
CA GLY A 250 12.31 21.68 -7.28
C GLY A 250 11.86 21.61 -8.72
N ASN A 251 12.59 20.88 -9.52
CA ASN A 251 12.23 20.63 -10.94
C ASN A 251 10.96 19.79 -11.02
N LYS A 252 11.03 18.54 -10.55
CA LYS A 252 9.87 17.63 -10.50
C LYS A 252 9.35 17.57 -9.07
N ILE A 253 8.06 17.49 -8.91
CA ILE A 253 7.35 17.41 -7.61
C ILE A 253 6.52 16.13 -7.64
N ILE A 254 6.70 15.30 -6.60
CA ILE A 254 5.82 14.12 -6.42
C ILE A 254 4.96 14.38 -5.19
N LEU A 255 3.66 14.39 -5.37
CA LEU A 255 2.68 14.48 -4.27
C LEU A 255 2.40 13.03 -3.83
N ALA A 256 2.70 12.75 -2.57
CA ALA A 256 2.59 11.39 -2.02
C ALA A 256 2.14 11.53 -0.57
N THR A 257 1.04 12.29 -0.34
CA THR A 257 0.66 12.71 1.01
C THR A 257 -0.37 11.80 1.65
N GLY A 258 -0.90 10.82 0.93
CA GLY A 258 -1.81 9.85 1.55
C GLY A 258 -3.08 10.43 2.10
N GLU A 259 -3.66 9.67 2.98
CA GLU A 259 -5.00 9.93 3.55
C GLU A 259 -4.95 9.82 5.07
N ARG A 260 -6.03 10.24 5.73
CA ARG A 260 -6.21 10.05 7.18
C ARG A 260 -7.65 9.63 7.41
N PRO A 261 -7.91 9.01 8.58
CA PRO A 261 -9.26 8.59 8.93
C PRO A 261 -10.28 9.73 8.95
N LYS A 262 -11.49 9.37 8.50
CA LYS A 262 -12.69 10.19 8.73
C LYS A 262 -13.36 9.88 10.06
N TYR A 263 -14.06 10.88 10.58
CA TYR A 263 -14.98 10.71 11.71
C TYR A 263 -16.39 11.00 11.23
N PRO A 264 -17.42 10.34 11.80
CA PRO A 264 -18.79 10.76 11.53
C PRO A 264 -19.05 12.03 12.32
N GLU A 265 -19.98 12.82 11.78
CA GLU A 265 -20.43 14.09 12.38
C GLU A 265 -21.51 13.77 13.41
N ILE A 266 -21.11 13.25 14.56
CA ILE A 266 -22.01 12.97 15.71
C ILE A 266 -21.33 13.47 16.95
N PRO A 267 -22.13 13.87 17.95
CA PRO A 267 -21.55 14.34 19.19
C PRO A 267 -20.69 13.26 19.84
N GLY A 268 -19.52 13.68 20.29
CA GLY A 268 -18.58 12.81 21.07
C GLY A 268 -17.65 11.98 20.21
N ALA A 269 -17.82 11.95 18.90
CA ALA A 269 -17.00 11.05 18.08
C ALA A 269 -15.51 11.45 18.14
N VAL A 270 -15.19 12.69 17.84
CA VAL A 270 -13.82 13.18 17.84
C VAL A 270 -13.27 13.20 19.27
N GLU A 271 -14.07 13.62 20.24
CA GLU A 271 -13.63 13.80 21.64
C GLU A 271 -13.34 12.44 22.29
N TYR A 272 -14.19 11.43 22.05
CA TYR A 272 -14.18 10.22 22.88
C TYR A 272 -13.80 8.96 22.09
N GLY A 273 -14.03 8.90 20.78
CA GLY A 273 -13.61 7.75 19.98
C GLY A 273 -12.16 7.85 19.60
N ILE A 274 -11.71 6.79 18.95
CA ILE A 274 -10.35 6.74 18.37
C ILE A 274 -10.46 6.14 16.97
N THR A 275 -9.36 6.17 16.23
CA THR A 275 -9.27 5.49 14.93
C THR A 275 -8.08 4.53 14.95
N SER A 276 -7.88 3.86 13.82
CA SER A 276 -6.71 3.01 13.64
C SER A 276 -5.42 3.82 13.87
N ASP A 277 -5.41 5.11 13.63
CA ASP A 277 -4.18 5.91 13.88
C ASP A 277 -3.77 5.86 15.35
N ASP A 278 -4.71 5.80 16.25
CA ASP A 278 -4.42 5.74 17.69
C ASP A 278 -4.26 4.30 18.15
N LEU A 279 -4.94 3.33 17.54
CA LEU A 279 -5.01 1.97 18.11
C LEU A 279 -3.61 1.38 18.22
N PHE A 280 -2.77 1.54 17.21
CA PHE A 280 -1.54 0.75 17.11
C PHE A 280 -0.47 1.12 18.13
N SER A 281 -0.61 2.27 18.79
CA SER A 281 0.27 2.70 19.88
C SER A 281 -0.51 2.89 21.17
N LEU A 282 -1.74 2.40 21.28
CA LEU A 282 -2.59 2.78 22.41
C LEU A 282 -1.93 2.34 23.71
N PRO A 283 -1.77 3.25 24.68
CA PRO A 283 -0.99 2.91 25.87
C PRO A 283 -1.75 2.13 26.93
N TYR A 284 -3.05 2.02 26.71
CA TYR A 284 -3.97 1.30 27.60
C TYR A 284 -4.61 0.19 26.77
N PHE A 285 -5.06 -0.85 27.42
CA PHE A 285 -5.77 -1.95 26.76
C PHE A 285 -7.18 -1.47 26.36
N PRO A 286 -7.66 -1.70 25.12
CA PRO A 286 -8.94 -1.13 24.67
C PRO A 286 -10.10 -1.65 25.49
N GLY A 287 -10.00 -2.85 26.01
CA GLY A 287 -11.12 -3.40 26.76
C GLY A 287 -12.33 -3.66 25.86
N LYS A 288 -13.52 -3.60 26.47
CA LYS A 288 -14.77 -3.85 25.71
C LYS A 288 -14.85 -2.80 24.63
N THR A 289 -14.93 -3.25 23.38
CA THR A 289 -14.70 -2.38 22.22
C THR A 289 -15.86 -2.44 21.24
N LEU A 290 -16.25 -1.28 20.75
CA LEU A 290 -17.17 -1.16 19.63
C LEU A 290 -16.37 -0.62 18.45
N VAL A 291 -16.40 -1.37 17.33
CA VAL A 291 -15.86 -0.87 16.05
C VAL A 291 -17.03 -0.42 15.19
N ILE A 292 -17.05 0.87 14.86
CA ILE A 292 -18.08 1.39 13.95
C ILE A 292 -17.52 1.42 12.53
N GLY A 293 -18.10 0.62 11.66
CA GLY A 293 -17.60 0.49 10.30
C GLY A 293 -17.58 -0.94 9.85
N ALA A 294 -17.33 -1.14 8.58
CA ALA A 294 -17.41 -2.48 7.96
C ALA A 294 -16.43 -2.64 6.85
N SER A 295 -15.43 -1.79 6.80
CA SER A 295 -14.29 -1.90 5.87
C SER A 295 -13.36 -3.02 6.30
N TYR A 296 -12.35 -3.25 5.45
CA TYR A 296 -11.34 -4.26 5.88
C TYR A 296 -10.61 -3.85 7.15
N VAL A 297 -10.41 -2.56 7.33
CA VAL A 297 -9.75 -2.05 8.55
C VAL A 297 -10.65 -2.38 9.75
N ALA A 298 -11.92 -2.08 9.67
CA ALA A 298 -12.87 -2.36 10.75
C ALA A 298 -12.80 -3.82 11.14
N LEU A 299 -12.92 -4.71 10.12
CA LEU A 299 -13.02 -6.13 10.43
C LEU A 299 -11.67 -6.68 10.90
N GLU A 300 -10.57 -6.24 10.30
CA GLU A 300 -9.26 -6.72 10.76
C GLU A 300 -9.04 -6.38 12.23
N CYS A 301 -9.36 -5.15 12.58
CA CYS A 301 -9.11 -4.69 13.94
C CYS A 301 -10.07 -5.40 14.90
N ALA A 302 -11.36 -5.48 14.56
CA ALA A 302 -12.31 -6.21 15.43
C ALA A 302 -11.79 -7.62 15.63
N GLY A 303 -11.35 -8.24 14.54
CA GLY A 303 -10.93 -9.64 14.62
C GLY A 303 -9.75 -9.87 15.53
N PHE A 304 -8.70 -9.09 15.41
CA PHE A 304 -7.56 -9.38 16.32
C PHE A 304 -7.95 -9.03 17.76
N LEU A 305 -8.72 -7.96 17.96
CA LEU A 305 -9.08 -7.60 19.35
C LEU A 305 -9.85 -8.76 19.97
N ALA A 306 -10.74 -9.42 19.25
CA ALA A 306 -11.52 -10.53 19.85
C ALA A 306 -10.57 -11.68 20.14
N SER A 307 -9.64 -11.97 19.21
CA SER A 307 -8.73 -13.13 19.42
C SER A 307 -7.81 -12.90 20.61
N LEU A 308 -7.52 -11.68 20.96
CA LEU A 308 -6.70 -11.32 22.15
C LEU A 308 -7.53 -11.51 23.44
N GLY A 309 -8.80 -11.80 23.33
CA GLY A 309 -9.64 -12.08 24.51
C GLY A 309 -10.62 -10.98 24.77
N GLY A 310 -10.80 -10.05 23.83
CA GLY A 310 -11.56 -8.81 24.02
C GLY A 310 -13.07 -9.07 23.73
N ASP A 311 -13.91 -8.27 24.38
CA ASP A 311 -15.38 -8.24 24.14
C ASP A 311 -15.58 -7.21 23.02
N VAL A 312 -15.87 -7.67 21.82
CA VAL A 312 -15.91 -6.84 20.61
C VAL A 312 -17.24 -6.92 19.90
N THR A 313 -17.71 -5.77 19.51
CA THR A 313 -18.93 -5.60 18.69
C THR A 313 -18.54 -4.73 17.50
N VAL A 314 -19.05 -5.10 16.34
CA VAL A 314 -18.95 -4.31 15.09
C VAL A 314 -20.31 -3.75 14.70
N MET A 315 -20.42 -2.42 14.57
CA MET A 315 -21.69 -1.77 14.19
C MET A 315 -21.67 -1.54 12.68
N VAL A 316 -22.56 -2.24 11.97
CA VAL A 316 -22.60 -2.29 10.49
C VAL A 316 -23.85 -1.53 9.99
N ARG A 317 -23.63 -0.53 9.17
CA ARG A 317 -24.74 0.33 8.65
C ARG A 317 -25.53 -0.49 7.64
N SER A 318 -24.83 -1.19 6.72
CA SER A 318 -25.50 -1.93 5.62
C SER A 318 -24.86 -3.31 5.43
N ILE A 319 -23.74 -3.33 4.69
CA ILE A 319 -23.07 -4.59 4.29
C ILE A 319 -21.60 -4.56 4.72
N LEU A 320 -20.99 -5.75 4.72
CA LEU A 320 -19.55 -5.85 4.99
C LEU A 320 -18.76 -5.70 3.71
N LEU A 321 -17.60 -5.07 3.82
CA LEU A 321 -16.61 -5.03 2.74
C LEU A 321 -17.22 -4.62 1.41
N ARG A 322 -17.93 -3.51 1.40
CA ARG A 322 -18.48 -2.99 0.13
C ARG A 322 -17.33 -2.87 -0.86
N GLY A 323 -17.54 -3.35 -2.08
CA GLY A 323 -16.52 -3.33 -3.15
C GLY A 323 -15.81 -4.64 -3.32
N PHE A 324 -15.85 -5.49 -2.32
CA PHE A 324 -15.33 -6.86 -2.45
C PHE A 324 -16.47 -7.80 -2.76
N ASP A 325 -16.15 -8.95 -3.33
CA ASP A 325 -17.10 -10.04 -3.61
C ASP A 325 -17.96 -10.31 -2.38
N GLN A 326 -19.27 -10.15 -2.55
CA GLN A 326 -20.17 -10.19 -1.37
C GLN A 326 -20.36 -11.60 -0.81
N GLN A 327 -20.30 -12.60 -1.67
CA GLN A 327 -20.31 -13.98 -1.13
C GLN A 327 -19.12 -14.15 -0.15
N MET A 328 -17.94 -13.74 -0.61
CA MET A 328 -16.74 -13.87 0.24
C MET A 328 -16.84 -13.00 1.47
N ALA A 329 -17.35 -11.80 1.34
CA ALA A 329 -17.51 -10.90 2.49
C ALA A 329 -18.42 -11.57 3.53
N GLU A 330 -19.54 -12.16 3.12
CA GLU A 330 -20.46 -12.80 4.06
C GLU A 330 -19.72 -13.94 4.75
N LYS A 331 -18.94 -14.73 4.01
CA LYS A 331 -18.22 -15.86 4.66
C LYS A 331 -17.20 -15.34 5.69
N VAL A 332 -16.52 -14.26 5.34
CA VAL A 332 -15.57 -13.61 6.28
C VAL A 332 -16.28 -13.24 7.57
N GLY A 333 -17.43 -12.55 7.43
CA GLY A 333 -18.17 -12.12 8.62
C GLY A 333 -18.79 -13.25 9.40
N ASP A 334 -19.26 -14.27 8.72
CA ASP A 334 -19.85 -15.46 9.40
C ASP A 334 -18.78 -16.11 10.26
N TYR A 335 -17.56 -16.21 9.75
CA TYR A 335 -16.49 -16.84 10.53
C TYR A 335 -16.24 -16.01 11.81
N MET A 336 -16.17 -14.69 11.63
CA MET A 336 -15.99 -13.79 12.76
C MET A 336 -17.10 -13.96 13.80
N GLU A 337 -18.35 -13.96 13.34
CA GLU A 337 -19.50 -14.08 14.26
C GLU A 337 -19.46 -15.41 15.00
N ASN A 338 -18.97 -16.47 14.35
CA ASN A 338 -18.94 -17.80 14.96
C ASN A 338 -17.71 -17.93 15.85
N HIS A 339 -16.80 -16.95 15.84
CA HIS A 339 -15.55 -16.93 16.63
C HIS A 339 -15.38 -15.67 17.45
N GLY A 340 -16.46 -15.26 18.06
CA GLY A 340 -16.34 -14.31 19.19
C GLY A 340 -16.46 -12.84 18.83
N VAL A 341 -16.87 -12.49 17.60
CA VAL A 341 -17.19 -11.10 17.28
C VAL A 341 -18.71 -10.93 17.22
N LYS A 342 -19.24 -9.95 17.93
CA LYS A 342 -20.67 -9.64 17.86
C LYS A 342 -20.88 -8.58 16.78
N PHE A 343 -22.00 -8.64 16.08
CA PHE A 343 -22.38 -7.68 15.05
C PHE A 343 -23.70 -7.03 15.42
N ALA A 344 -23.72 -5.72 15.39
CA ALA A 344 -24.93 -4.91 15.50
C ALA A 344 -25.27 -4.53 14.08
N LYS A 345 -26.18 -5.27 13.46
CA LYS A 345 -26.44 -5.17 12.02
C LYS A 345 -27.51 -4.09 11.74
N LEU A 346 -27.42 -3.43 10.61
CA LEU A 346 -28.37 -2.38 10.15
C LEU A 346 -28.51 -1.30 11.22
N CYS A 347 -27.37 -0.80 11.70
CA CYS A 347 -27.26 0.02 12.92
C CYS A 347 -26.32 1.17 12.65
N VAL A 348 -26.69 2.37 13.12
CA VAL A 348 -25.81 3.56 13.00
C VAL A 348 -25.77 4.29 14.32
N PRO A 349 -24.64 4.95 14.63
CA PRO A 349 -24.45 5.69 15.87
C PRO A 349 -25.04 7.09 15.76
N ASP A 350 -25.58 7.52 16.90
CA ASP A 350 -26.11 8.89 17.05
C ASP A 350 -25.26 9.76 17.95
N GLU A 351 -24.64 9.18 18.98
CA GLU A 351 -23.95 9.98 20.01
C GLU A 351 -23.01 9.09 20.78
N ILE A 352 -21.86 9.65 21.20
CA ILE A 352 -20.92 9.04 22.16
C ILE A 352 -20.92 9.91 23.40
N LYS A 353 -21.27 9.37 24.55
CA LYS A 353 -21.28 10.11 25.85
C LYS A 353 -20.12 9.58 26.69
N GLN A 354 -19.35 10.46 27.34
CA GLN A 354 -18.26 10.03 28.20
C GLN A 354 -18.79 9.64 29.58
N LEU A 355 -18.41 8.47 30.06
CA LEU A 355 -18.72 7.98 31.42
C LEU A 355 -17.47 8.01 32.30
N LYS A 356 -16.30 7.75 31.74
CA LYS A 356 -15.02 7.82 32.45
CA LYS A 356 -15.02 7.81 32.45
C LYS A 356 -13.94 8.32 31.48
N VAL A 357 -13.04 9.15 31.98
CA VAL A 357 -11.84 9.65 31.25
C VAL A 357 -10.80 8.54 31.23
N VAL A 358 -10.01 8.47 30.14
CA VAL A 358 -8.88 7.52 30.07
C VAL A 358 -7.92 7.74 31.24
N ASP A 359 -7.48 6.63 31.86
CA ASP A 359 -6.52 6.68 33.00
C ASP A 359 -5.08 6.63 32.46
N THR A 360 -4.42 7.77 32.47
CA THR A 360 -3.08 7.94 31.83
C THR A 360 -1.96 7.46 32.77
N GLU A 361 -2.26 7.13 34.03
CA GLU A 361 -1.21 6.70 35.00
C GLU A 361 -1.25 5.16 35.10
N ASN A 362 -2.45 4.61 35.29
CA ASN A 362 -2.63 3.14 35.45
C ASN A 362 -2.77 2.53 34.04
N ASN A 363 -2.77 3.34 32.98
CA ASN A 363 -2.98 2.82 31.58
C ASN A 363 -4.23 1.90 31.52
N LYS A 364 -5.37 2.49 31.79
CA LYS A 364 -6.70 1.83 31.71
C LYS A 364 -7.52 2.68 30.79
N PRO A 365 -8.43 2.06 30.02
CA PRO A 365 -9.35 2.87 29.21
C PRO A 365 -10.33 3.64 30.09
N GLY A 366 -11.05 4.53 29.43
CA GLY A 366 -12.23 5.15 29.97
C GLY A 366 -13.44 4.28 29.79
N LEU A 367 -14.58 4.94 29.66
CA LEU A 367 -15.88 4.26 29.53
C LEU A 367 -16.79 5.23 28.82
N LEU A 368 -17.56 4.69 27.89
CA LEU A 368 -18.39 5.47 26.95
C LEU A 368 -19.76 4.82 26.88
N LEU A 369 -20.76 5.67 26.67
CA LEU A 369 -22.14 5.22 26.35
C LEU A 369 -22.39 5.53 24.89
N VAL A 370 -22.66 4.50 24.12
CA VAL A 370 -22.95 4.70 22.69
C VAL A 370 -24.45 4.56 22.49
N LYS A 371 -25.02 5.62 21.93
CA LYS A 371 -26.47 5.60 21.56
C LYS A 371 -26.52 5.56 20.04
N GLY A 372 -27.37 4.71 19.51
CA GLY A 372 -27.56 4.59 18.06
C GLY A 372 -28.98 4.10 17.77
N HIS A 373 -29.21 3.72 16.54
CA HIS A 373 -30.53 3.11 16.21
C HIS A 373 -30.45 2.16 15.04
N TYR A 374 -31.30 1.15 15.11
CA TYR A 374 -31.44 0.14 14.05
C TYR A 374 -32.43 0.63 12.99
N THR A 375 -32.39 0.04 11.81
CA THR A 375 -33.32 0.39 10.72
C THR A 375 -34.76 0.06 11.17
N ASP A 376 -34.94 -0.89 12.05
CA ASP A 376 -36.30 -1.31 12.53
C ASP A 376 -36.85 -0.35 13.60
N GLY A 377 -36.08 0.69 13.90
CA GLY A 377 -36.56 1.68 14.87
C GLY A 377 -36.10 1.41 16.30
N LYS A 378 -35.55 0.26 16.59
CA LYS A 378 -35.15 -0.03 17.97
C LYS A 378 -33.88 0.77 18.28
N LYS A 379 -33.79 1.19 19.53
CA LYS A 379 -32.61 1.94 19.97
C LYS A 379 -31.48 0.98 20.31
N PHE A 380 -30.30 1.48 20.04
CA PHE A 380 -29.02 0.90 20.49
C PHE A 380 -28.50 1.76 21.65
N GLU A 381 -28.23 1.14 22.78
CA GLU A 381 -27.64 1.89 23.91
C GLU A 381 -26.83 0.91 24.72
N GLU A 382 -25.51 1.07 24.64
CA GLU A 382 -24.60 0.09 25.28
CA GLU A 382 -24.57 0.07 25.24
C GLU A 382 -23.30 0.79 25.70
N GLU A 383 -22.72 0.30 26.79
CA GLU A 383 -21.45 0.82 27.29
C GLU A 383 -20.30 0.10 26.59
N PHE A 384 -19.25 0.84 26.29
CA PHE A 384 -17.97 0.36 25.77
C PHE A 384 -16.84 1.10 26.43
N GLU A 385 -15.72 0.43 26.61
CA GLU A 385 -14.49 1.07 27.07
C GLU A 385 -13.78 1.83 25.94
N THR A 386 -13.85 1.31 24.72
CA THR A 386 -13.21 1.94 23.57
C THR A 386 -14.19 1.93 22.39
N VAL A 387 -14.22 3.02 21.64
CA VAL A 387 -15.01 3.11 20.38
C VAL A 387 -14.04 3.50 19.27
N ILE A 388 -13.92 2.61 18.26
CA ILE A 388 -13.03 2.80 17.12
C ILE A 388 -13.87 3.08 15.88
N PHE A 389 -13.66 4.25 15.27
CA PHE A 389 -14.32 4.61 14.00
C PHE A 389 -13.41 4.08 12.87
N ALA A 390 -13.98 3.32 11.95
CA ALA A 390 -13.35 2.90 10.70
C ALA A 390 -14.39 3.06 9.59
N VAL A 391 -14.60 4.33 9.23
CA VAL A 391 -15.74 4.79 8.38
C VAL A 391 -15.25 5.53 7.13
N GLY A 392 -14.04 5.26 6.76
CA GLY A 392 -13.37 5.71 5.55
C GLY A 392 -12.15 6.50 5.88
N ARG A 393 -11.41 6.85 4.81
CA ARG A 393 -10.18 7.65 4.83
C ARG A 393 -10.32 8.70 3.74
N GLU A 394 -9.65 9.84 3.88
CA GLU A 394 -9.73 10.92 2.86
C GLU A 394 -8.41 11.63 2.78
N PRO A 395 -8.13 12.21 1.59
CA PRO A 395 -6.90 12.97 1.37
C PRO A 395 -7.04 14.33 2.01
N GLN A 396 -5.97 15.08 2.30
CA GLN A 396 -6.48 16.40 2.77
C GLN A 396 -5.69 17.45 2.05
N LEU A 397 -5.84 17.40 0.74
CA LEU A 397 -4.99 18.17 -0.21
C LEU A 397 -5.21 19.65 -0.14
N SER A 398 -6.29 20.16 0.41
CA SER A 398 -6.39 21.65 0.47
C SER A 398 -5.25 22.17 1.34
N LYS A 399 -4.74 21.31 2.24
CA LYS A 399 -3.59 21.52 3.16
C LYS A 399 -2.25 21.57 2.39
N VAL A 400 -2.21 21.09 1.16
CA VAL A 400 -1.02 20.46 0.58
C VAL A 400 -0.83 21.25 -0.68
N LEU A 401 -1.94 21.61 -1.31
CA LEU A 401 -1.73 22.43 -2.52
CA LEU A 401 -1.97 22.27 -2.64
C LEU A 401 -2.69 23.60 -2.56
N CYS A 402 -2.01 24.68 -2.90
CA CYS A 402 -2.66 25.96 -3.12
C CYS A 402 -3.54 25.72 -4.35
N GLU A 403 -4.74 26.24 -4.32
CA GLU A 403 -5.76 26.05 -5.37
C GLU A 403 -5.29 26.76 -6.67
N THR A 404 -4.43 27.77 -6.54
CA THR A 404 -3.94 28.57 -7.68
C THR A 404 -2.88 27.80 -8.47
N VAL A 405 -2.37 26.67 -8.01
CA VAL A 405 -1.27 25.99 -8.75
C VAL A 405 -1.84 25.32 -10.01
N GLY A 406 -3.09 24.85 -10.00
CA GLY A 406 -3.72 24.21 -11.18
C GLY A 406 -3.69 22.69 -11.21
N VAL A 407 -3.52 22.04 -10.06
CA VAL A 407 -3.57 20.57 -9.96
C VAL A 407 -5.05 20.20 -9.79
N LYS A 408 -5.58 19.50 -10.77
CA LYS A 408 -7.01 19.11 -10.81
C LYS A 408 -7.26 18.01 -9.80
N LEU A 409 -8.29 18.18 -8.97
CA LEU A 409 -8.80 17.16 -8.08
C LEU A 409 -10.18 16.71 -8.57
N ASP A 410 -10.55 15.50 -8.19
CA ASP A 410 -11.88 14.91 -8.43
C ASP A 410 -12.82 15.35 -7.32
N LYS A 411 -14.08 14.94 -7.44
CA LYS A 411 -15.14 15.28 -6.46
C LYS A 411 -14.82 14.71 -5.07
N ASN A 412 -13.92 13.73 -4.96
CA ASN A 412 -13.50 13.17 -3.63
C ASN A 412 -12.22 13.83 -3.12
N GLY A 413 -11.69 14.87 -3.78
CA GLY A 413 -10.44 15.52 -3.36
C GLY A 413 -9.18 14.72 -3.71
N ARG A 414 -9.29 13.71 -4.59
CA ARG A 414 -8.10 12.96 -5.08
C ARG A 414 -7.56 13.58 -6.35
N VAL A 415 -6.30 13.31 -6.65
CA VAL A 415 -5.60 13.94 -7.78
C VAL A 415 -5.93 13.19 -9.06
N VAL A 416 -6.31 13.93 -10.09
CA VAL A 416 -6.64 13.35 -11.40
C VAL A 416 -5.34 13.23 -12.21
N CYS A 417 -4.92 12.03 -12.49
CA CYS A 417 -3.63 11.75 -13.14
C CYS A 417 -3.79 11.01 -14.46
N THR A 418 -2.82 11.21 -15.33
CA THR A 418 -2.58 10.40 -16.54
C THR A 418 -2.09 9.03 -16.12
N ASP A 419 -1.99 8.12 -17.06
CA ASP A 419 -1.53 6.74 -16.76
CA ASP A 419 -1.51 6.74 -16.85
C ASP A 419 -0.01 6.70 -16.51
N ASP A 420 0.68 7.84 -16.51
CA ASP A 420 2.10 7.95 -16.08
C ASP A 420 2.20 8.83 -14.83
N GLU A 421 1.12 8.96 -14.05
CA GLU A 421 1.05 9.68 -12.77
C GLU A 421 1.17 11.18 -12.93
N GLN A 422 1.13 11.72 -14.14
CA GLN A 422 1.27 13.19 -14.29
C GLN A 422 -0.06 13.87 -13.92
N THR A 423 0.00 14.96 -13.16
CA THR A 423 -1.14 15.84 -12.84
C THR A 423 -1.36 16.80 -14.02
N THR A 424 -2.32 17.66 -13.83
CA THR A 424 -2.57 18.76 -14.79
C THR A 424 -1.43 19.79 -14.79
N VAL A 425 -0.53 19.77 -13.82
CA VAL A 425 0.69 20.61 -13.82
C VAL A 425 1.86 19.71 -14.21
N SER A 426 2.57 19.97 -15.30
CA SER A 426 3.26 18.95 -16.10
C SER A 426 4.51 18.38 -15.39
N ASN A 427 5.08 19.13 -14.47
CA ASN A 427 6.24 18.73 -13.66
C ASN A 427 5.80 18.06 -12.36
N VAL A 428 4.53 18.01 -12.10
CA VAL A 428 3.95 17.58 -10.80
C VAL A 428 3.22 16.26 -11.06
N TYR A 429 3.55 15.27 -10.23
CA TYR A 429 3.01 13.89 -10.34
C TYR A 429 2.36 13.53 -8.99
N ALA A 430 1.50 12.53 -8.99
CA ALA A 430 0.86 12.07 -7.74
C ALA A 430 0.85 10.55 -7.76
N ILE A 431 1.22 10.00 -6.61
CA ILE A 431 1.31 8.51 -6.45
C ILE A 431 0.61 8.10 -5.15
N GLY A 432 0.31 6.82 -5.05
CA GLY A 432 -0.29 6.28 -3.84
C GLY A 432 -1.72 6.61 -3.66
N ASP A 433 -2.18 6.65 -2.43
CA ASP A 433 -3.63 6.70 -2.12
C ASP A 433 -4.30 7.98 -2.66
N ILE A 434 -3.58 9.06 -2.91
CA ILE A 434 -4.20 10.30 -3.43
C ILE A 434 -4.41 10.22 -4.94
N ASN A 435 -3.89 9.24 -5.63
CA ASN A 435 -4.04 9.13 -7.09
C ASN A 435 -5.41 8.54 -7.35
N ALA A 436 -6.31 9.36 -7.90
CA ALA A 436 -7.72 8.95 -8.10
C ALA A 436 -7.83 7.66 -8.90
N GLY A 437 -8.70 6.78 -8.44
CA GLY A 437 -9.05 5.57 -9.18
C GLY A 437 -8.14 4.39 -8.95
N LYS A 438 -7.04 4.56 -8.25
CA LYS A 438 -6.04 3.47 -8.13
C LYS A 438 -6.25 2.67 -6.85
N PRO A 439 -5.94 1.35 -6.87
CA PRO A 439 -6.02 0.55 -5.66
C PRO A 439 -5.14 1.17 -4.57
N GLN A 440 -5.69 1.31 -3.37
CA GLN A 440 -5.03 2.03 -2.25
C GLN A 440 -4.25 1.00 -1.41
N LEU A 441 -3.09 0.62 -1.94
CA LEU A 441 -2.28 -0.47 -1.40
C LEU A 441 -0.82 -0.08 -1.40
N THR A 442 -0.05 -0.55 -0.40
CA THR A 442 1.37 -0.21 -0.28
C THR A 442 2.18 -0.66 -1.47
N PRO A 443 2.08 -1.90 -1.95
CA PRO A 443 2.95 -2.31 -3.05
C PRO A 443 2.60 -1.59 -4.38
N VAL A 444 1.38 -1.10 -4.48
CA VAL A 444 0.98 -0.26 -5.65
C VAL A 444 1.72 1.08 -5.54
N ALA A 445 1.69 1.71 -4.38
CA ALA A 445 2.37 3.02 -4.20
C ALA A 445 3.86 2.86 -4.46
N ILE A 446 4.46 1.75 -3.99
CA ILE A 446 5.91 1.52 -4.17
C ILE A 446 6.22 1.30 -5.64
N GLN A 447 5.48 0.43 -6.33
CA GLN A 447 5.79 0.22 -7.76
C GLN A 447 5.56 1.56 -8.49
N ALA A 448 4.47 2.27 -8.23
CA ALA A 448 4.21 3.51 -8.95
C ALA A 448 5.36 4.48 -8.75
N GLY A 449 5.82 4.66 -7.52
CA GLY A 449 6.85 5.63 -7.18
C GLY A 449 8.18 5.24 -7.79
N ARG A 450 8.58 3.96 -7.72
CA ARG A 450 9.90 3.49 -8.24
C ARG A 450 9.86 3.59 -9.76
N TYR A 451 8.77 3.20 -10.40
CA TYR A 451 8.70 3.19 -11.88
C TYR A 451 8.68 4.64 -12.34
N LEU A 452 7.96 5.51 -11.67
CA LEU A 452 7.93 6.95 -12.06
C LEU A 452 9.33 7.52 -11.98
N ALA A 453 10.05 7.27 -10.90
CA ALA A 453 11.41 7.83 -10.74
C ALA A 453 12.29 7.37 -11.90
N ARG A 454 12.16 6.12 -12.34
CA ARG A 454 12.92 5.61 -13.49
C ARG A 454 12.51 6.35 -14.77
N ARG A 455 11.27 6.65 -15.00
CA ARG A 455 10.83 7.40 -16.20
C ARG A 455 11.38 8.83 -16.13
N LEU A 456 11.34 9.48 -14.98
CA LEU A 456 11.73 10.88 -14.89
C LEU A 456 13.24 10.97 -15.07
N PHE A 457 14.03 10.10 -14.47
CA PHE A 457 15.46 10.33 -14.23
C PHE A 457 16.33 9.31 -14.95
N ALA A 458 15.78 8.28 -15.59
CA ALA A 458 16.63 7.27 -16.24
C ALA A 458 16.09 6.94 -17.65
N GLY A 459 15.09 7.67 -18.18
CA GLY A 459 14.48 7.49 -19.51
C GLY A 459 13.75 6.17 -19.64
N ALA A 460 13.29 5.62 -18.52
CA ALA A 460 12.45 4.40 -18.63
C ALA A 460 11.14 4.73 -19.33
N THR A 461 10.49 3.73 -19.95
CA THR A 461 9.15 3.90 -20.56
C THR A 461 8.10 3.14 -19.77
N GLU A 462 8.50 2.18 -18.96
CA GLU A 462 7.50 1.28 -18.31
C GLU A 462 6.56 1.98 -17.36
N LEU A 463 5.29 1.72 -17.57
CA LEU A 463 4.19 2.26 -16.73
C LEU A 463 3.88 1.21 -15.67
N THR A 464 3.27 1.68 -14.61
CA THR A 464 2.68 0.79 -13.61
C THR A 464 1.37 0.20 -14.17
N ASP A 465 1.18 -1.09 -13.99
CA ASP A 465 -0.05 -1.81 -14.37
C ASP A 465 -0.92 -1.92 -13.12
N TYR A 466 -2.06 -1.23 -13.09
CA TYR A 466 -2.95 -1.21 -11.94
C TYR A 466 -4.05 -2.27 -12.07
N SER A 467 -4.02 -3.12 -13.11
CA SER A 467 -5.04 -4.14 -13.34
C SER A 467 -4.75 -5.45 -12.56
N ASN A 468 -5.82 -6.10 -12.11
CA ASN A 468 -5.70 -7.41 -11.45
C ASN A 468 -4.70 -7.39 -10.28
N VAL A 469 -4.70 -6.33 -9.51
CA VAL A 469 -3.85 -6.19 -8.32
C VAL A 469 -4.46 -7.01 -7.16
N ALA A 470 -3.75 -8.03 -6.73
CA ALA A 470 -4.21 -8.94 -5.70
C ALA A 470 -4.23 -8.24 -4.34
N THR A 471 -5.12 -8.74 -3.50
CA THR A 471 -5.34 -8.18 -2.16
C THR A 471 -5.40 -9.34 -1.17
N THR A 472 -5.22 -9.01 0.09
CA THR A 472 -5.62 -9.92 1.17
C THR A 472 -6.15 -9.11 2.35
N VAL A 473 -7.27 -9.58 2.86
CA VAL A 473 -7.94 -9.05 4.06
C VAL A 473 -7.53 -10.01 5.19
N PHE A 474 -6.87 -9.43 6.17
CA PHE A 474 -6.25 -10.18 7.27
C PHE A 474 -7.19 -10.31 8.46
N THR A 475 -8.42 -10.70 8.16
CA THR A 475 -9.43 -11.10 9.15
C THR A 475 -8.99 -12.41 9.80
N PRO A 476 -9.69 -12.83 10.89
CA PRO A 476 -9.29 -14.02 11.60
C PRO A 476 -9.10 -15.23 10.69
N LEU A 477 -10.07 -15.42 9.80
CA LEU A 477 -9.87 -16.31 8.64
C LEU A 477 -9.64 -15.37 7.46
N GLU A 478 -8.46 -15.45 6.87
CA GLU A 478 -8.02 -14.48 5.84
C GLU A 478 -8.73 -14.68 4.51
N TYR A 479 -8.80 -13.60 3.73
CA TYR A 479 -9.47 -13.63 2.42
C TYR A 479 -8.55 -12.98 1.39
N GLY A 480 -8.12 -13.79 0.45
CA GLY A 480 -7.24 -13.37 -0.66
C GLY A 480 -8.04 -13.33 -1.96
N ALA A 481 -7.75 -12.31 -2.79
CA ALA A 481 -8.47 -12.18 -4.05
C ALA A 481 -7.54 -11.59 -5.10
N CYS A 482 -7.82 -11.93 -6.37
CA CYS A 482 -7.12 -11.30 -7.48
C CYS A 482 -8.14 -11.28 -8.62
N GLY A 483 -8.41 -10.10 -9.09
CA GLY A 483 -9.31 -9.93 -10.24
C GLY A 483 -10.71 -9.58 -9.81
N LEU A 484 -11.68 -9.89 -10.68
CA LEU A 484 -13.07 -9.47 -10.49
C LEU A 484 -13.78 -10.29 -9.42
N SER A 485 -14.66 -9.63 -8.67
CA SER A 485 -15.72 -10.33 -7.95
C SER A 485 -16.63 -11.06 -8.93
N GLU A 486 -17.32 -12.05 -8.43
CA GLU A 486 -18.31 -12.81 -9.24
C GLU A 486 -19.39 -11.84 -9.77
N GLU A 487 -19.89 -11.00 -8.90
CA GLU A 487 -20.97 -10.08 -9.31
C GLU A 487 -20.43 -9.12 -10.37
N ASP A 488 -19.21 -8.61 -10.26
CA ASP A 488 -18.71 -7.65 -11.27
C ASP A 488 -18.50 -8.39 -12.61
N ALA A 489 -18.04 -9.64 -12.59
CA ALA A 489 -17.83 -10.43 -13.81
C ALA A 489 -19.18 -10.62 -14.52
N ILE A 490 -20.19 -10.98 -13.75
CA ILE A 490 -21.54 -11.17 -14.31
C ILE A 490 -22.07 -9.84 -14.86
N GLU A 491 -21.89 -8.72 -14.16
CA GLU A 491 -22.38 -7.42 -14.65
C GLU A 491 -21.68 -7.11 -15.99
N LYS A 492 -20.39 -7.42 -16.13
CA LYS A 492 -19.59 -7.00 -17.31
C LYS A 492 -19.90 -7.90 -18.50
N TYR A 493 -20.04 -9.19 -18.32
CA TYR A 493 -20.01 -10.14 -19.46
C TYR A 493 -21.35 -10.86 -19.65
N GLY A 494 -22.24 -10.77 -18.65
CA GLY A 494 -23.53 -11.44 -18.55
C GLY A 494 -23.38 -12.82 -17.95
N ASP A 495 -24.39 -13.21 -17.26
CA ASP A 495 -24.42 -14.51 -16.55
C ASP A 495 -24.09 -15.68 -17.46
N LYS A 496 -24.56 -15.67 -18.73
CA LYS A 496 -24.40 -16.85 -19.60
C LYS A 496 -22.95 -17.00 -20.03
N ASP A 497 -22.13 -15.96 -19.92
CA ASP A 497 -20.70 -16.05 -20.30
C ASP A 497 -19.79 -16.31 -19.07
N ILE A 498 -20.35 -16.53 -17.88
CA ILE A 498 -19.57 -16.77 -16.64
C ILE A 498 -19.77 -18.20 -16.17
N GLU A 499 -18.64 -18.85 -15.89
CA GLU A 499 -18.61 -20.19 -15.23
C GLU A 499 -17.83 -20.02 -13.94
N VAL A 500 -18.38 -20.47 -12.82
CA VAL A 500 -17.68 -20.38 -11.54
C VAL A 500 -17.37 -21.78 -11.03
N TYR A 501 -16.07 -22.11 -10.87
CA TYR A 501 -15.64 -23.37 -10.25
C TYR A 501 -15.39 -23.10 -8.79
N HIS A 502 -15.79 -24.00 -7.93
CA HIS A 502 -15.65 -23.71 -6.49
C HIS A 502 -15.52 -24.98 -5.68
N SER A 503 -14.95 -24.82 -4.48
CA SER A 503 -14.83 -25.96 -3.55
C SER A 503 -14.65 -25.40 -2.14
N ASN A 504 -15.24 -26.08 -1.16
CA ASN A 504 -14.74 -25.97 0.21
C ASN A 504 -13.41 -26.69 0.29
N PHE A 505 -12.69 -26.48 1.38
CA PHE A 505 -11.54 -27.29 1.74
C PHE A 505 -11.34 -27.21 3.25
N LYS A 506 -10.44 -28.05 3.72
CA LYS A 506 -10.06 -28.09 5.13
C LYS A 506 -8.55 -28.18 5.21
N PRO A 507 -7.90 -27.18 5.81
CA PRO A 507 -6.44 -27.30 6.02
C PRO A 507 -6.13 -28.56 6.77
N LEU A 508 -5.06 -29.26 6.41
CA LEU A 508 -4.67 -30.45 7.17
C LEU A 508 -4.42 -30.07 8.64
N GLU A 509 -3.92 -28.88 8.87
CA GLU A 509 -3.61 -28.40 10.22
C GLU A 509 -4.88 -28.31 11.07
N TRP A 510 -6.06 -28.26 10.48
CA TRP A 510 -7.33 -28.14 11.20
C TRP A 510 -7.86 -29.51 11.61
N THR A 511 -7.35 -30.63 11.07
CA THR A 511 -7.92 -31.96 11.31
C THR A 511 -7.72 -32.39 12.78
N VAL A 512 -6.48 -32.59 13.17
CA VAL A 512 -6.15 -32.99 14.55
C VAL A 512 -6.58 -31.87 15.51
N ALA A 513 -6.67 -30.62 15.06
CA ALA A 513 -7.08 -29.51 15.94
C ALA A 513 -8.60 -29.46 16.14
N HIS A 514 -9.36 -30.23 15.40
CA HIS A 514 -10.83 -30.31 15.52
C HIS A 514 -11.50 -29.00 15.11
N ARG A 515 -10.99 -28.32 14.08
CA ARG A 515 -11.60 -27.12 13.52
C ARG A 515 -12.54 -27.53 12.38
N GLU A 516 -13.15 -26.54 11.74
CA GLU A 516 -14.35 -26.72 10.94
C GLU A 516 -14.06 -27.39 9.60
N ASP A 517 -14.93 -28.29 9.23
CA ASP A 517 -15.14 -28.72 7.84
C ASP A 517 -15.87 -27.62 7.09
N ASN A 518 -15.66 -27.55 5.78
CA ASN A 518 -16.56 -26.80 4.87
C ASN A 518 -16.76 -25.37 5.31
N VAL A 519 -15.66 -24.74 5.72
CA VAL A 519 -15.66 -23.28 6.01
C VAL A 519 -14.66 -22.57 5.08
N CYS A 520 -13.44 -23.02 5.03
CA CYS A 520 -12.50 -22.50 4.03
C CYS A 520 -13.13 -22.79 2.66
N TYR A 521 -12.87 -21.90 1.72
CA TYR A 521 -13.60 -21.90 0.44
C TYR A 521 -12.75 -21.20 -0.61
N MET A 522 -12.84 -21.69 -1.85
CA MET A 522 -12.18 -21.00 -2.95
C MET A 522 -13.02 -21.09 -4.22
N LYS A 523 -12.84 -20.11 -5.07
CA LYS A 523 -13.51 -20.18 -6.39
C LYS A 523 -12.69 -19.43 -7.43
N LEU A 524 -12.91 -19.89 -8.67
CA LEU A 524 -12.38 -19.25 -9.88
C LEU A 524 -13.60 -18.80 -10.72
N VAL A 525 -13.66 -17.51 -10.99
CA VAL A 525 -14.70 -16.87 -11.83
C VAL A 525 -14.12 -16.75 -13.23
N CYS A 526 -14.71 -17.49 -14.20
CA CYS A 526 -14.12 -17.64 -15.52
C CYS A 526 -15.06 -17.16 -16.63
N ARG A 527 -14.47 -16.82 -17.77
CA ARG A 527 -15.23 -16.31 -18.93
C ARG A 527 -15.30 -17.43 -19.99
N LYS A 528 -16.48 -17.96 -20.22
CA LYS A 528 -16.69 -19.15 -21.11
C LYS A 528 -16.22 -18.83 -22.53
N SER A 529 -16.58 -17.69 -23.07
CA SER A 529 -16.29 -17.35 -24.49
C SER A 529 -14.82 -16.97 -24.70
N ASP A 530 -14.02 -16.80 -23.63
CA ASP A 530 -12.56 -16.55 -23.79
C ASP A 530 -11.72 -17.72 -23.25
N ASN A 531 -11.98 -18.95 -23.69
CA ASN A 531 -11.18 -20.14 -23.34
C ASN A 531 -11.18 -20.31 -21.80
N MET A 532 -12.27 -19.94 -21.13
CA MET A 532 -12.43 -20.11 -19.67
C MET A 532 -11.31 -19.34 -18.99
N ARG A 533 -11.03 -18.12 -19.45
CA ARG A 533 -10.08 -17.19 -18.84
C ARG A 533 -10.49 -16.99 -17.38
N VAL A 534 -9.48 -16.99 -16.51
CA VAL A 534 -9.75 -16.69 -15.07
C VAL A 534 -9.87 -15.18 -14.92
N LEU A 535 -11.07 -14.70 -14.64
CA LEU A 535 -11.36 -13.29 -14.41
C LEU A 535 -11.12 -12.93 -12.95
N GLY A 536 -11.36 -13.90 -12.03
CA GLY A 536 -11.19 -13.60 -10.60
C GLY A 536 -10.93 -14.87 -9.83
N LEU A 537 -10.01 -14.74 -8.89
CA LEU A 537 -9.63 -15.83 -7.96
C LEU A 537 -9.92 -15.34 -6.53
N HIS A 538 -10.49 -16.23 -5.72
CA HIS A 538 -10.96 -15.86 -4.37
C HIS A 538 -10.71 -17.02 -3.43
N VAL A 539 -10.08 -16.75 -2.26
CA VAL A 539 -9.79 -17.86 -1.31
C VAL A 539 -9.96 -17.34 0.11
N LEU A 540 -10.73 -18.09 0.88
CA LEU A 540 -10.93 -17.87 2.33
C LEU A 540 -10.22 -19.02 3.03
N GLY A 541 -9.16 -18.68 3.77
CA GLY A 541 -8.41 -19.73 4.46
C GLY A 541 -7.17 -19.13 5.11
N PRO A 542 -6.43 -19.97 5.86
CA PRO A 542 -5.21 -19.51 6.47
C PRO A 542 -4.16 -19.14 5.41
N ASN A 543 -3.32 -18.17 5.75
CA ASN A 543 -2.16 -17.80 4.93
C ASN A 543 -2.62 -17.39 3.51
N ALA A 544 -3.75 -16.75 3.41
CA ALA A 544 -4.41 -16.49 2.13
C ALA A 544 -3.55 -15.58 1.25
N GLY A 545 -2.77 -14.66 1.81
CA GLY A 545 -1.88 -13.83 0.99
C GLY A 545 -0.78 -14.67 0.34
N GLU A 546 -0.24 -15.62 1.08
CA GLU A 546 0.80 -16.54 0.55
C GLU A 546 0.16 -17.41 -0.53
N ILE A 547 -1.06 -17.87 -0.32
CA ILE A 547 -1.75 -18.67 -1.35
C ILE A 547 -1.92 -17.80 -2.60
N THR A 548 -2.43 -16.60 -2.46
CA THR A 548 -2.93 -15.87 -3.63
C THR A 548 -1.78 -15.30 -4.47
N GLN A 549 -0.68 -14.91 -3.84
CA GLN A 549 0.32 -14.09 -4.55
C GLN A 549 0.78 -14.75 -5.86
N GLY A 550 1.19 -15.99 -5.88
CA GLY A 550 1.79 -16.50 -7.13
C GLY A 550 0.72 -16.59 -8.23
N TYR A 551 -0.53 -16.87 -7.88
CA TYR A 551 -1.55 -16.91 -8.92
C TYR A 551 -1.71 -15.52 -9.57
N ALA A 552 -1.42 -14.43 -8.91
CA ALA A 552 -1.48 -13.09 -9.49
C ALA A 552 -0.61 -13.04 -10.73
N VAL A 553 0.55 -13.67 -10.72
CA VAL A 553 1.48 -13.67 -11.87
C VAL A 553 0.75 -14.43 -13.01
N ALA A 554 0.17 -15.57 -12.73
CA ALA A 554 -0.51 -16.37 -13.77
C ALA A 554 -1.68 -15.56 -14.35
N ILE A 555 -2.47 -14.91 -13.51
CA ILE A 555 -3.65 -14.11 -13.96
C ILE A 555 -3.12 -12.95 -14.82
N LYS A 556 -2.05 -12.29 -14.44
CA LYS A 556 -1.48 -11.18 -15.26
C LYS A 556 -1.14 -11.72 -16.65
N MET A 557 -0.67 -12.95 -16.74
CA MET A 557 -0.28 -13.65 -17.97
C MET A 557 -1.50 -14.20 -18.73
N GLY A 558 -2.72 -14.03 -18.23
CA GLY A 558 -3.90 -14.54 -18.92
C GLY A 558 -4.20 -16.00 -18.68
N ALA A 559 -4.02 -16.45 -17.47
CA ALA A 559 -4.29 -17.86 -17.16
C ALA A 559 -5.75 -18.19 -17.47
N THR A 560 -5.90 -19.40 -17.96
CA THR A 560 -7.22 -20.03 -18.12
C THR A 560 -7.46 -21.13 -17.10
N LYS A 561 -8.68 -21.63 -17.05
CA LYS A 561 -8.96 -22.80 -16.23
C LYS A 561 -8.04 -23.94 -16.60
N ALA A 562 -7.80 -24.17 -17.87
CA ALA A 562 -6.94 -25.28 -18.32
C ALA A 562 -5.53 -25.11 -17.77
N ASP A 563 -5.03 -23.87 -17.67
CA ASP A 563 -3.66 -23.66 -17.13
C ASP A 563 -3.64 -24.13 -15.65
N PHE A 564 -4.70 -23.87 -14.90
CA PHE A 564 -4.78 -24.32 -13.49
C PHE A 564 -4.82 -25.84 -13.44
N ASP A 565 -5.61 -26.44 -14.33
CA ASP A 565 -5.81 -27.91 -14.31
C ASP A 565 -4.52 -28.65 -14.70
N ARG A 566 -3.75 -28.14 -15.66
CA ARG A 566 -2.56 -28.86 -16.16
CA ARG A 566 -2.55 -28.83 -16.16
C ARG A 566 -1.42 -28.78 -15.13
N THR A 567 -1.51 -27.83 -14.20
CA THR A 567 -0.52 -27.66 -13.15
C THR A 567 -0.75 -28.68 -12.06
N ILE A 568 0.34 -29.25 -11.57
CA ILE A 568 0.26 -30.28 -10.51
C ILE A 568 0.30 -29.64 -9.11
N GLY A 569 -0.59 -30.11 -8.26
CA GLY A 569 -0.59 -29.65 -6.86
C GLY A 569 0.71 -30.01 -6.14
N ILE A 570 0.98 -29.20 -5.11
CA ILE A 570 1.94 -29.49 -4.01
C ILE A 570 1.10 -30.00 -2.85
N HIS A 571 1.44 -31.17 -2.34
CA HIS A 571 0.66 -31.81 -1.28
C HIS A 571 1.55 -32.01 -0.06
N PRO A 572 1.03 -31.80 1.17
CA PRO A 572 -0.31 -31.27 1.49
C PRO A 572 -0.27 -29.76 1.70
N THR A 573 -1.04 -29.06 0.90
CA THR A 573 -1.21 -27.60 1.03
C THR A 573 -2.67 -27.24 0.87
N CYS A 574 -3.00 -26.03 1.31
CA CYS A 574 -4.32 -25.47 0.99
C CYS A 574 -4.39 -25.05 -0.50
N SER A 575 -3.31 -24.44 -0.96
CA SER A 575 -3.31 -23.86 -2.33
C SER A 575 -3.54 -24.92 -3.41
N GLU A 576 -3.08 -26.15 -3.21
CA GLU A 576 -3.26 -27.18 -4.26
C GLU A 576 -4.71 -27.34 -4.66
N THR A 577 -5.70 -27.04 -3.86
CA THR A 577 -7.12 -27.23 -4.21
C THR A 577 -7.42 -26.42 -5.47
N PHE A 578 -6.70 -25.34 -5.78
CA PHE A 578 -6.93 -24.56 -6.99
C PHE A 578 -6.64 -25.40 -8.25
N THR A 579 -5.85 -26.46 -8.13
CA THR A 579 -5.36 -27.21 -9.31
C THR A 579 -6.35 -28.33 -9.69
N THR A 580 -7.36 -28.60 -8.90
CA THR A 580 -8.30 -29.72 -9.09
C THR A 580 -9.74 -29.30 -9.01
N LEU A 581 -10.08 -28.02 -9.18
CA LEU A 581 -11.48 -27.60 -9.05
C LEU A 581 -12.27 -28.17 -10.26
N HIS A 582 -13.43 -28.67 -9.91
CA HIS A 582 -14.28 -29.26 -10.98
C HIS A 582 -15.77 -28.94 -10.82
N VAL A 583 -16.22 -28.60 -9.65
CA VAL A 583 -17.66 -28.35 -9.40
C VAL A 583 -18.02 -26.94 -9.86
N THR A 584 -19.01 -26.81 -10.76
CA THR A 584 -19.48 -25.48 -11.20
C THR A 584 -20.68 -25.03 -10.40
N LYS A 585 -20.81 -23.74 -10.19
CA LYS A 585 -22.07 -23.21 -9.60
C LYS A 585 -23.31 -23.56 -10.44
N LYS A 586 -23.19 -23.51 -11.76
CA LYS A 586 -24.33 -23.78 -12.65
C LYS A 586 -24.82 -25.21 -12.43
N SER A 587 -23.94 -26.15 -12.12
CA SER A 587 -24.34 -27.55 -11.92
C SER A 587 -25.28 -27.66 -10.71
N GLY A 588 -25.21 -26.75 -9.75
CA GLY A 588 -25.96 -26.91 -8.48
C GLY A 588 -25.39 -27.96 -7.54
N VAL A 589 -24.28 -28.60 -7.85
CA VAL A 589 -23.70 -29.66 -6.98
C VAL A 589 -23.04 -28.94 -5.80
N SER A 590 -23.20 -29.49 -4.60
CA SER A 590 -22.61 -28.91 -3.37
C SER A 590 -21.09 -28.80 -3.48
N PRO A 591 -20.50 -27.68 -3.01
CA PRO A 591 -19.01 -27.55 -2.98
C PRO A 591 -18.36 -28.21 -1.76
N ILE A 592 -19.18 -28.78 -0.85
CA ILE A 592 -18.64 -29.45 0.36
C ILE A 592 -17.73 -30.60 -0.02
N VAL A 593 -16.80 -30.90 0.87
CA VAL A 593 -15.82 -32.00 0.64
C VAL A 593 -15.66 -32.81 1.92
N SER A 594 -15.43 -34.09 1.76
CA SER A 594 -15.09 -35.00 2.87
C SER A 594 -13.55 -35.05 2.92
N GLY A 595 -12.98 -35.75 3.90
CA GLY A 595 -11.53 -35.86 4.07
C GLY A 595 -10.85 -36.52 2.88
N CYS A 596 -11.38 -37.68 2.48
CA CYS A 596 -10.85 -38.58 1.43
C CYS A 596 -11.91 -39.58 0.83
N CYS A 597 -11.83 -39.50 -0.51
CA CYS A 597 -13.00 -39.92 -1.31
C CYS A 597 -12.46 -41.02 -2.23
N GLY A 598 -11.97 -40.63 -3.40
CA GLY A 598 -11.01 -41.40 -4.20
C GLY A 598 -10.04 -40.40 -4.77
#